data_4FL6
#
_entry.id   4FL6
#
_cell.length_a   228.026
_cell.length_b   54.372
_cell.length_c   65.549
_cell.angle_alpha   90.00
_cell.angle_beta   97.11
_cell.angle_gamma   90.00
#
_symmetry.space_group_name_H-M   'C 1 2 1'
#
loop_
_entity.id
_entity.type
_entity.pdbx_description
1 polymer 'Lethal(3)malignant brain tumor-like protein 3'
2 non-polymer [2-(phenylamino)benzene-1,4-diyl]bis{[4-(pyrrolidin-1-yl)piperidin-1-yl]methanone}
3 non-polymer 'UNKNOWN ATOM OR ION'
#
_entity_poly.entity_id   1
_entity_poly.type   'polypeptide(L)'
_entity_poly.pdbx_seq_one_letter_code
;MKKAWCWASYLEEEKAVAVPAKLFKEHQSFPYNKNGFKVGMKLEGVDPEHQSVYCVLTVAEVCGYRIKLHFDGYSDCYDF
WVNADALDIHPVGWCEKTGHKLHPPKGYKEEEFNWQTYLKTCKAQAAPKSLFENQNITVIPSGFRVGMKLEAVDKKNPSF
ICVATVTDMVDNRFLVHFDNWDESYDYWCEASSPHIHPVGWCKEHRRTLITPPGYPNVKHFSWDKYLEETNSLPAPARAF
KVKPPHGFQKKMKLEVVDKRNPMFIRVATVADTDDHRVKVHFDGWNNCYDYWIDADSPDIHPVGWCSKTGHPLQPPLSPL
ELMEASHHHHHH
;
_entity_poly.pdbx_strand_id   A,B
#
# COMPACT_ATOMS: atom_id res chain seq x y z
N ALA A 4 -28.23 20.61 -3.04
CA ALA A 4 -27.72 21.97 -2.94
C ALA A 4 -26.91 22.14 -1.66
N TRP A 5 -25.69 22.73 -1.77
CA TRP A 5 -24.78 22.93 -0.63
C TRP A 5 -23.78 24.08 -0.85
N CYS A 6 -23.86 25.13 0.00
CA CYS A 6 -22.99 26.31 -0.04
C CYS A 6 -22.01 26.34 1.13
N TRP A 7 -20.76 26.79 0.88
CA TRP A 7 -19.69 26.93 1.87
C TRP A 7 -19.94 28.10 2.85
N ALA A 8 -20.41 29.25 2.31
CA ALA A 8 -20.70 30.49 3.06
C ALA A 8 -21.66 30.26 4.23
N SER A 9 -22.74 29.50 3.97
CA SER A 9 -23.75 29.11 4.96
C SER A 9 -23.13 28.15 5.98
N TYR A 10 -22.29 27.21 5.48
CA TYR A 10 -21.63 26.22 6.31
C TYR A 10 -20.62 26.84 7.28
N LEU A 11 -19.78 27.78 6.79
CA LEU A 11 -18.79 28.48 7.62
C LEU A 11 -19.47 29.33 8.71
N GLU A 12 -20.68 29.85 8.45
CA GLU A 12 -21.48 30.61 9.40
C GLU A 12 -22.07 29.66 10.46
N GLU A 13 -22.68 28.54 10.00
CA GLU A 13 -23.30 27.51 10.82
C GLU A 13 -22.30 26.87 11.80
N GLU A 14 -21.11 26.46 11.28
CA GLU A 14 -20.03 25.85 12.06
C GLU A 14 -19.22 26.87 12.89
N LYS A 15 -19.31 28.18 12.54
CA LYS A 15 -18.58 29.30 13.16
C LYS A 15 -17.06 29.06 13.08
N ALA A 16 -16.58 28.77 11.86
CA ALA A 16 -15.17 28.49 11.52
C ALA A 16 -14.69 29.36 10.35
N VAL A 17 -13.36 29.28 10.02
CA VAL A 17 -12.76 30.02 8.89
C VAL A 17 -12.06 29.07 7.93
N ALA A 18 -12.12 29.38 6.64
CA ALA A 18 -11.46 28.58 5.61
C ALA A 18 -9.99 28.94 5.58
N VAL A 19 -9.14 28.00 5.10
CA VAL A 19 -7.70 28.22 4.91
C VAL A 19 -7.63 29.35 3.86
N PRO A 20 -7.05 30.53 4.18
CA PRO A 20 -6.98 31.62 3.19
C PRO A 20 -6.40 31.13 1.86
N ALA A 21 -7.08 31.40 0.73
CA ALA A 21 -6.68 30.99 -0.63
C ALA A 21 -5.21 31.31 -0.95
N LYS A 22 -4.71 32.47 -0.44
CA LYS A 22 -3.32 32.94 -0.54
C LYS A 22 -2.30 31.91 0.03
N LEU A 23 -2.78 30.91 0.83
CA LEU A 23 -1.93 29.90 1.44
C LEU A 23 -1.73 28.68 0.55
N PHE A 24 -2.51 28.61 -0.56
CA PHE A 24 -2.44 27.52 -1.53
C PHE A 24 -1.50 27.88 -2.66
N LYS A 25 -0.74 26.88 -3.12
CA LYS A 25 0.21 27.04 -4.23
C LYS A 25 -0.54 26.89 -5.56
N GLU A 26 0.05 27.40 -6.66
CA GLU A 26 -0.51 27.42 -8.02
C GLU A 26 -1.19 26.11 -8.47
N HIS A 27 -0.57 24.95 -8.16
CA HIS A 27 -1.07 23.62 -8.54
C HIS A 27 -2.24 23.15 -7.68
N GLN A 28 -2.51 23.83 -6.53
CA GLN A 28 -3.62 23.49 -5.63
C GLN A 28 -4.76 24.50 -5.77
N SER A 29 -4.44 25.73 -6.24
CA SER A 29 -5.40 26.82 -6.32
C SER A 29 -6.35 26.73 -7.52
N PHE A 30 -7.14 27.79 -7.74
CA PHE A 30 -8.10 27.84 -8.85
C PHE A 30 -7.39 27.87 -10.19
N PRO A 31 -7.69 26.93 -11.13
CA PRO A 31 -7.04 26.98 -12.44
C PRO A 31 -7.46 28.20 -13.20
N TYR A 32 -6.55 28.79 -13.97
CA TYR A 32 -6.92 29.96 -14.75
C TYR A 32 -7.50 29.54 -16.13
N ASN A 33 -7.62 28.22 -16.39
CA ASN A 33 -8.11 27.68 -17.66
C ASN A 33 -8.99 26.41 -17.52
N LYS A 34 -9.72 26.11 -18.61
CA LYS A 34 -10.62 24.97 -18.73
C LYS A 34 -9.85 23.68 -19.06
N ASN A 35 -10.42 22.52 -18.68
CA ASN A 35 -9.86 21.18 -18.90
C ASN A 35 -10.16 20.76 -20.34
N GLY A 36 -9.11 20.77 -21.16
CA GLY A 36 -9.18 20.45 -22.58
C GLY A 36 -9.11 18.98 -22.94
N PHE A 37 -8.80 18.12 -21.95
CA PHE A 37 -8.71 16.68 -22.17
C PHE A 37 -10.07 16.09 -22.46
N LYS A 38 -10.09 15.11 -23.36
CA LYS A 38 -11.29 14.40 -23.77
C LYS A 38 -11.00 12.89 -23.68
N VAL A 39 -12.02 12.12 -23.30
CA VAL A 39 -11.94 10.67 -23.14
C VAL A 39 -11.42 10.01 -24.41
N GLY A 40 -10.45 9.11 -24.24
CA GLY A 40 -9.85 8.39 -25.35
C GLY A 40 -8.56 8.96 -25.88
N MET A 41 -8.19 10.18 -25.45
CA MET A 41 -6.91 10.83 -25.81
C MET A 41 -5.77 10.03 -25.16
N LYS A 42 -4.69 9.81 -25.92
CA LYS A 42 -3.52 9.06 -25.46
C LYS A 42 -2.37 10.00 -25.13
N LEU A 43 -1.59 9.59 -24.14
CA LEU A 43 -0.47 10.32 -23.58
C LEU A 43 0.46 9.34 -22.82
N GLU A 44 1.55 9.87 -22.31
CA GLU A 44 2.55 9.15 -21.54
C GLU A 44 2.51 9.74 -20.17
N GLY A 45 2.96 8.99 -19.18
CA GLY A 45 2.96 9.49 -17.81
C GLY A 45 3.57 8.55 -16.82
N VAL A 46 4.05 9.07 -15.70
CA VAL A 46 4.67 8.31 -14.62
C VAL A 46 3.65 7.37 -13.94
N ASP A 47 4.07 6.13 -13.61
CA ASP A 47 3.22 5.21 -12.86
C ASP A 47 3.29 5.68 -11.39
N PRO A 48 2.16 6.05 -10.72
CA PRO A 48 2.27 6.58 -9.33
C PRO A 48 2.80 5.60 -8.29
N GLU A 49 2.84 4.31 -8.63
CA GLU A 49 3.25 3.26 -7.70
C GLU A 49 4.64 2.77 -7.98
N HIS A 50 5.13 3.04 -9.21
CA HIS A 50 6.41 2.68 -9.79
C HIS A 50 6.89 3.94 -10.53
N GLN A 51 7.24 4.93 -9.75
CA GLN A 51 7.63 6.27 -10.17
C GLN A 51 8.85 6.41 -11.08
N SER A 52 9.60 5.34 -11.36
CA SER A 52 10.71 5.36 -12.33
C SER A 52 10.21 4.95 -13.71
N VAL A 53 8.92 4.56 -13.80
CA VAL A 53 8.30 4.03 -14.98
C VAL A 53 7.30 5.03 -15.60
N TYR A 54 7.45 5.19 -16.94
CA TYR A 54 6.63 5.98 -17.83
C TYR A 54 5.76 5.01 -18.60
N CYS A 55 4.46 5.23 -18.55
CA CYS A 55 3.53 4.32 -19.17
C CYS A 55 2.63 4.95 -20.28
N VAL A 56 1.98 4.09 -21.05
CA VAL A 56 1.05 4.42 -22.14
C VAL A 56 -0.32 4.52 -21.47
N LEU A 57 -0.84 5.75 -21.45
CA LEU A 57 -2.07 6.11 -20.77
C LEU A 57 -3.13 6.59 -21.72
N THR A 58 -4.40 6.42 -21.33
CA THR A 58 -5.59 6.87 -22.07
C THR A 58 -6.49 7.64 -21.12
N VAL A 59 -7.04 8.80 -21.56
CA VAL A 59 -7.98 9.55 -20.72
C VAL A 59 -9.30 8.74 -20.60
N ALA A 60 -9.55 8.16 -19.43
CA ALA A 60 -10.71 7.32 -19.19
C ALA A 60 -11.92 8.12 -18.71
N GLU A 61 -11.68 9.23 -17.99
CA GLU A 61 -12.76 10.06 -17.48
C GLU A 61 -12.29 11.49 -17.31
N VAL A 62 -13.18 12.46 -17.56
CA VAL A 62 -12.93 13.89 -17.39
C VAL A 62 -13.97 14.38 -16.38
N CYS A 63 -13.52 14.89 -15.23
CA CYS A 63 -14.40 15.40 -14.21
C CYS A 63 -13.80 16.66 -13.64
N GLY A 64 -14.40 17.79 -13.98
CA GLY A 64 -13.91 19.11 -13.55
C GLY A 64 -12.54 19.36 -14.12
N TYR A 65 -11.59 19.76 -13.26
CA TYR A 65 -10.21 20.01 -13.71
C TYR A 65 -9.33 18.77 -13.49
N ARG A 66 -9.95 17.58 -13.40
CA ARG A 66 -9.24 16.34 -13.19
C ARG A 66 -9.52 15.34 -14.28
N ILE A 67 -8.57 14.42 -14.51
CA ILE A 67 -8.68 13.32 -15.46
C ILE A 67 -8.32 12.00 -14.79
N LYS A 68 -9.06 10.92 -15.12
CA LYS A 68 -8.83 9.52 -14.68
C LYS A 68 -8.05 8.86 -15.81
N LEU A 69 -6.82 8.43 -15.53
CA LEU A 69 -5.96 7.85 -16.53
C LEU A 69 -5.96 6.34 -16.43
N HIS A 70 -6.01 5.67 -17.62
CA HIS A 70 -6.03 4.22 -17.73
C HIS A 70 -4.74 3.71 -18.36
N PHE A 71 -4.15 2.61 -17.82
CA PHE A 71 -2.94 2.00 -18.36
C PHE A 71 -3.34 1.02 -19.48
N ASP A 72 -3.21 1.43 -20.75
CA ASP A 72 -3.55 0.65 -21.94
C ASP A 72 -3.12 -0.78 -21.84
N GLY A 73 -4.05 -1.70 -22.06
CA GLY A 73 -3.80 -3.15 -22.01
C GLY A 73 -3.80 -3.76 -20.62
N TYR A 74 -3.84 -2.93 -19.57
CA TYR A 74 -3.84 -3.34 -18.16
C TYR A 74 -5.23 -3.15 -17.60
N SER A 75 -5.50 -3.76 -16.43
CA SER A 75 -6.76 -3.67 -15.70
C SER A 75 -7.06 -2.24 -15.30
N ASP A 76 -8.33 -1.88 -15.32
CA ASP A 76 -8.80 -0.55 -14.93
C ASP A 76 -8.83 -0.37 -13.40
N CYS A 77 -8.38 -1.40 -12.65
CA CYS A 77 -8.28 -1.33 -11.18
C CYS A 77 -7.08 -0.46 -10.80
N TYR A 78 -6.17 -0.25 -11.76
CA TYR A 78 -4.97 0.56 -11.63
C TYR A 78 -5.18 2.03 -12.06
N ASP A 79 -6.38 2.38 -12.53
CA ASP A 79 -6.75 3.73 -12.95
C ASP A 79 -6.50 4.77 -11.85
N PHE A 80 -6.06 5.96 -12.23
CA PHE A 80 -5.76 6.96 -11.21
C PHE A 80 -6.16 8.38 -11.63
N TRP A 81 -6.28 9.26 -10.65
CA TRP A 81 -6.70 10.65 -10.82
C TRP A 81 -5.57 11.63 -10.61
N VAL A 82 -5.54 12.66 -11.48
CA VAL A 82 -4.56 13.76 -11.48
C VAL A 82 -5.29 14.98 -11.92
N ASN A 83 -4.74 16.15 -11.61
CA ASN A 83 -5.33 17.40 -12.08
C ASN A 83 -4.92 17.60 -13.54
N ALA A 84 -5.62 18.45 -14.29
CA ALA A 84 -5.31 18.63 -15.69
C ALA A 84 -3.95 19.30 -15.93
N ASP A 85 -3.36 19.92 -14.88
CA ASP A 85 -2.08 20.62 -14.93
C ASP A 85 -0.95 19.80 -14.29
N ALA A 86 -1.19 18.50 -14.05
CA ALA A 86 -0.26 17.57 -13.44
C ALA A 86 1.09 17.60 -14.17
N LEU A 87 2.20 17.41 -13.43
CA LEU A 87 3.57 17.48 -13.95
C LEU A 87 4.14 16.14 -14.48
N ASP A 88 3.60 15.00 -14.02
CA ASP A 88 4.10 13.69 -14.39
C ASP A 88 3.32 13.03 -15.55
N ILE A 89 2.64 13.85 -16.36
CA ILE A 89 1.91 13.41 -17.55
C ILE A 89 2.51 14.21 -18.74
N HIS A 90 2.77 13.52 -19.85
CA HIS A 90 3.47 14.16 -20.96
C HIS A 90 2.86 13.75 -22.28
N PRO A 91 3.06 14.54 -23.36
CA PRO A 91 2.46 14.14 -24.65
C PRO A 91 3.22 12.98 -25.30
N VAL A 92 2.54 12.27 -26.20
CA VAL A 92 3.04 11.21 -27.05
C VAL A 92 4.35 11.71 -27.73
N GLY A 93 5.43 10.95 -27.60
CA GLY A 93 6.73 11.29 -28.16
C GLY A 93 7.71 11.93 -27.18
N TRP A 94 7.25 12.21 -25.96
CA TRP A 94 8.03 12.86 -24.94
C TRP A 94 9.22 12.01 -24.45
N CYS A 95 9.00 10.72 -24.19
CA CYS A 95 10.08 9.83 -23.73
C CYS A 95 11.17 9.76 -24.74
N GLU A 96 10.78 9.57 -26.00
CA GLU A 96 11.68 9.47 -27.12
C GLU A 96 12.50 10.79 -27.29
N LYS A 97 11.82 11.96 -27.33
CA LYS A 97 12.48 13.25 -27.46
C LYS A 97 13.39 13.58 -26.24
N THR A 98 13.04 13.15 -25.01
CA THR A 98 13.82 13.50 -23.80
C THR A 98 14.74 12.41 -23.28
N GLY A 99 14.88 11.32 -24.02
CA GLY A 99 15.76 10.22 -23.66
C GLY A 99 15.26 9.31 -22.56
N HIS A 100 13.93 9.13 -22.45
CA HIS A 100 13.37 8.20 -21.46
C HIS A 100 12.85 6.94 -22.10
N LYS A 101 12.84 5.89 -21.29
CA LYS A 101 12.31 4.57 -21.61
C LYS A 101 10.79 4.64 -21.34
N LEU A 102 9.99 4.16 -22.26
CA LEU A 102 8.52 4.15 -22.14
C LEU A 102 8.09 2.71 -22.07
N HIS A 103 7.32 2.36 -21.05
CA HIS A 103 6.82 1.00 -20.93
C HIS A 103 5.64 0.84 -21.91
N PRO A 104 5.73 -0.09 -22.88
CA PRO A 104 4.61 -0.25 -23.84
C PRO A 104 3.32 -0.78 -23.22
N PRO A 105 2.13 -0.74 -23.88
CA PRO A 105 0.92 -1.35 -23.26
C PRO A 105 1.14 -2.84 -22.92
N LYS A 106 0.18 -3.48 -22.21
CA LYS A 106 0.35 -4.90 -21.86
C LYS A 106 0.46 -5.77 -23.12
N GLY A 107 1.38 -6.74 -23.06
CA GLY A 107 1.65 -7.69 -24.13
C GLY A 107 2.37 -7.16 -25.35
N TYR A 108 2.95 -5.96 -25.22
CA TYR A 108 3.72 -5.29 -26.25
C TYR A 108 5.16 -5.27 -25.80
N LYS A 109 6.11 -5.58 -26.69
CA LYS A 109 7.53 -5.53 -26.36
C LYS A 109 8.02 -4.15 -26.82
N GLU A 110 8.92 -3.50 -26.04
CA GLU A 110 9.47 -2.15 -26.33
C GLU A 110 9.97 -2.03 -27.74
N GLU A 111 10.64 -3.08 -28.22
CA GLU A 111 11.22 -3.21 -29.54
C GLU A 111 10.15 -3.32 -30.65
N GLU A 112 8.87 -3.47 -30.28
CA GLU A 112 7.78 -3.60 -31.25
C GLU A 112 6.72 -2.48 -31.07
N PHE A 113 6.96 -1.55 -30.17
CA PHE A 113 6.02 -0.46 -29.93
C PHE A 113 6.39 0.81 -30.67
N ASN A 114 5.46 1.32 -31.50
CA ASN A 114 5.57 2.61 -32.20
C ASN A 114 4.25 3.33 -32.01
N TRP A 115 4.32 4.60 -31.55
CA TRP A 115 3.16 5.48 -31.31
C TRP A 115 2.36 5.77 -32.59
N GLN A 116 3.04 6.21 -33.67
CA GLN A 116 2.39 6.54 -34.94
C GLN A 116 1.50 5.39 -35.43
N THR A 117 1.97 4.12 -35.24
CA THR A 117 1.25 2.92 -35.66
C THR A 117 0.18 2.50 -34.63
N TYR A 118 0.48 2.68 -33.33
CA TYR A 118 -0.44 2.33 -32.24
C TYR A 118 -1.73 3.16 -32.27
N LEU A 119 -1.62 4.51 -32.44
CA LEU A 119 -2.77 5.42 -32.53
C LEU A 119 -3.67 5.07 -33.75
N LYS A 120 -3.04 4.56 -34.84
CA LYS A 120 -3.76 4.12 -36.04
C LYS A 120 -4.56 2.86 -35.69
N THR A 121 -3.91 1.83 -35.11
CA THR A 121 -4.51 0.58 -34.64
C THR A 121 -5.73 0.83 -33.72
N CYS A 122 -5.61 1.84 -32.82
CA CYS A 122 -6.58 2.21 -31.81
C CYS A 122 -7.63 3.18 -32.31
N LYS A 123 -7.46 3.76 -33.53
CA LYS A 123 -8.32 4.81 -34.12
C LYS A 123 -8.43 5.96 -33.08
N ALA A 124 -7.31 6.20 -32.37
CA ALA A 124 -7.13 7.14 -31.29
C ALA A 124 -6.31 8.37 -31.67
N GLN A 125 -6.51 9.44 -30.89
CA GLN A 125 -5.82 10.70 -31.04
C GLN A 125 -4.96 10.98 -29.82
N ALA A 126 -3.79 11.56 -30.04
CA ALA A 126 -2.88 11.93 -28.96
C ALA A 126 -3.48 13.18 -28.34
N ALA A 127 -3.31 13.34 -27.01
CA ALA A 127 -3.71 14.56 -26.28
C ALA A 127 -2.76 15.64 -26.84
N PRO A 128 -3.28 16.73 -27.45
CA PRO A 128 -2.39 17.75 -28.05
C PRO A 128 -1.34 18.31 -27.10
N LYS A 129 -0.14 18.64 -27.65
CA LYS A 129 1.00 19.18 -26.90
C LYS A 129 0.64 20.39 -26.02
N SER A 130 -0.28 21.26 -26.49
CA SER A 130 -0.76 22.46 -25.80
C SER A 130 -1.50 22.17 -24.48
N LEU A 131 -2.13 20.98 -24.33
CA LEU A 131 -2.80 20.61 -23.06
C LEU A 131 -1.79 20.48 -21.90
N PHE A 132 -0.51 20.36 -22.21
CA PHE A 132 0.59 20.22 -21.26
C PHE A 132 1.35 21.55 -21.09
N GLU A 133 1.23 22.47 -22.08
CA GLU A 133 1.87 23.79 -22.12
C GLU A 133 1.35 24.73 -21.02
N VAL A 139 12.63 27.41 -15.79
CA VAL A 139 13.04 26.71 -14.57
C VAL A 139 14.22 27.41 -13.88
N ILE A 140 14.12 27.56 -12.53
CA ILE A 140 15.16 28.13 -11.66
C ILE A 140 16.27 27.06 -11.59
N PRO A 141 17.53 27.39 -12.01
CA PRO A 141 18.58 26.35 -12.03
C PRO A 141 18.96 25.80 -10.65
N SER A 142 18.60 24.53 -10.40
CA SER A 142 18.90 23.83 -9.16
C SER A 142 20.32 23.26 -9.22
N GLY A 143 20.88 22.98 -8.03
CA GLY A 143 22.19 22.37 -7.90
C GLY A 143 22.19 20.88 -8.18
N PHE A 144 21.00 20.23 -8.17
CA PHE A 144 20.85 18.77 -8.44
C PHE A 144 21.06 18.41 -9.92
N ARG A 145 21.78 17.28 -10.15
CA ARG A 145 22.07 16.71 -11.45
C ARG A 145 21.98 15.20 -11.29
N VAL A 146 21.50 14.49 -12.31
CA VAL A 146 21.36 13.02 -12.32
C VAL A 146 22.73 12.39 -12.01
N GLY A 147 22.73 11.39 -11.13
CA GLY A 147 23.94 10.71 -10.66
C GLY A 147 24.37 11.11 -9.25
N MET A 148 23.88 12.28 -8.76
CA MET A 148 24.18 12.87 -7.46
C MET A 148 23.56 12.10 -6.35
N LYS A 149 24.32 11.99 -5.25
CA LYS A 149 23.99 11.23 -4.06
C LYS A 149 23.70 12.15 -2.90
N LEU A 150 22.69 11.76 -2.09
CA LEU A 150 22.16 12.46 -0.90
C LEU A 150 21.60 11.41 0.10
N GLU A 151 20.91 11.87 1.16
CA GLU A 151 20.24 11.03 2.16
C GLU A 151 18.78 11.37 2.10
N ALA A 152 17.93 10.36 2.01
CA ALA A 152 16.50 10.60 1.85
C ALA A 152 15.67 9.67 2.69
N VAL A 153 14.47 10.13 3.05
CA VAL A 153 13.50 9.38 3.82
C VAL A 153 12.80 8.42 2.87
N ASP A 154 12.67 7.18 3.30
CA ASP A 154 11.89 6.19 2.59
C ASP A 154 10.46 6.56 3.01
N LYS A 155 9.68 7.24 2.13
CA LYS A 155 8.31 7.66 2.40
C LYS A 155 7.42 6.46 2.82
N LYS A 156 7.77 5.23 2.39
CA LYS A 156 7.05 4.02 2.77
C LYS A 156 7.42 3.51 4.19
N ASN A 157 8.64 3.74 4.67
CA ASN A 157 9.09 3.36 6.02
C ASN A 157 9.74 4.64 6.54
N PRO A 158 8.93 5.64 7.01
CA PRO A 158 9.47 6.99 7.29
C PRO A 158 10.45 7.14 8.44
N SER A 159 10.69 6.07 9.16
CA SER A 159 11.64 6.05 10.27
C SER A 159 13.04 5.80 9.71
N PHE A 160 13.14 5.49 8.41
CA PHE A 160 14.38 5.18 7.70
C PHE A 160 14.82 6.34 6.80
N ILE A 161 16.03 6.89 7.05
CA ILE A 161 16.77 7.85 6.22
C ILE A 161 17.92 7.03 5.61
N CYS A 162 17.94 6.90 4.26
CA CYS A 162 18.85 6.04 3.50
C CYS A 162 19.73 6.73 2.48
N VAL A 163 20.79 6.01 2.07
CA VAL A 163 21.71 6.36 0.98
C VAL A 163 20.84 6.35 -0.34
N ALA A 164 20.75 7.51 -1.02
CA ALA A 164 19.97 7.67 -2.25
C ALA A 164 20.71 8.40 -3.36
N THR A 165 20.21 8.27 -4.59
CA THR A 165 20.74 8.89 -5.81
C THR A 165 19.58 9.60 -6.57
N VAL A 166 19.90 10.72 -7.25
CA VAL A 166 19.02 11.44 -8.21
C VAL A 166 19.18 10.61 -9.50
N THR A 167 18.15 9.84 -9.90
CA THR A 167 18.29 8.96 -11.08
C THR A 167 17.60 9.49 -12.34
N ASP A 168 16.82 10.56 -12.20
CA ASP A 168 16.06 11.18 -13.28
C ASP A 168 15.78 12.59 -12.91
N MET A 169 15.63 13.45 -13.89
CA MET A 169 15.35 14.87 -13.62
C MET A 169 14.58 15.49 -14.77
N VAL A 170 13.47 16.14 -14.45
CA VAL A 170 12.59 16.76 -15.44
C VAL A 170 12.26 18.15 -14.91
N ASP A 171 12.83 19.17 -15.58
CA ASP A 171 12.72 20.57 -15.18
C ASP A 171 13.37 20.70 -13.79
N ASN A 172 12.66 21.24 -12.78
CA ASN A 172 13.23 21.44 -11.44
C ASN A 172 12.83 20.32 -10.48
N ARG A 173 12.31 19.20 -11.05
CA ARG A 173 11.85 18.04 -10.32
C ARG A 173 12.74 16.86 -10.64
N PHE A 174 13.07 16.07 -9.63
CA PHE A 174 13.96 14.91 -9.78
C PHE A 174 13.48 13.67 -9.01
N LEU A 175 13.90 12.51 -9.47
CA LEU A 175 13.53 11.19 -8.94
C LEU A 175 14.62 10.69 -8.03
N VAL A 176 14.22 10.44 -6.75
CA VAL A 176 15.06 9.90 -5.70
C VAL A 176 14.96 8.35 -5.77
N HIS A 177 16.13 7.69 -5.88
CA HIS A 177 16.26 6.25 -5.92
C HIS A 177 17.13 5.80 -4.75
N PHE A 178 16.72 4.73 -4.08
CA PHE A 178 17.48 4.17 -2.99
C PHE A 178 18.35 3.06 -3.52
N ASP A 179 19.68 3.27 -3.50
CA ASP A 179 20.71 2.35 -4.00
C ASP A 179 20.54 0.94 -3.51
N ASN A 180 20.50 -0.02 -4.45
CA ASN A 180 20.34 -1.48 -4.27
C ASN A 180 19.02 -1.86 -3.60
N TRP A 181 18.01 -0.96 -3.63
CA TRP A 181 16.63 -1.24 -3.20
C TRP A 181 15.85 -1.25 -4.50
N ASP A 182 14.72 -1.97 -4.57
CA ASP A 182 13.96 -2.00 -5.81
C ASP A 182 13.39 -0.58 -6.12
N GLU A 183 12.91 -0.36 -7.34
CA GLU A 183 12.49 0.96 -7.78
C GLU A 183 11.09 1.32 -7.40
N SER A 184 10.39 0.43 -6.72
CA SER A 184 9.03 0.75 -6.25
C SER A 184 9.08 1.78 -5.12
N TYR A 185 10.23 1.89 -4.44
CA TYR A 185 10.46 2.85 -3.37
C TYR A 185 10.85 4.26 -3.87
N ASP A 186 11.09 4.42 -5.18
CA ASP A 186 11.44 5.71 -5.79
C ASP A 186 10.30 6.70 -5.66
N TYR A 187 10.65 8.00 -5.68
CA TYR A 187 9.72 9.10 -5.63
C TYR A 187 10.27 10.38 -6.18
N TRP A 188 9.40 11.19 -6.77
CA TRP A 188 9.78 12.49 -7.31
C TRP A 188 9.68 13.54 -6.27
N CYS A 189 10.56 14.53 -6.40
CA CYS A 189 10.52 15.69 -5.53
C CYS A 189 11.37 16.84 -6.12
N GLU A 190 11.70 17.83 -5.26
CA GLU A 190 12.38 19.07 -5.60
C GLU A 190 13.29 19.54 -4.44
N ALA A 191 14.18 20.49 -4.73
CA ALA A 191 15.18 21.10 -3.84
C ALA A 191 14.72 21.43 -2.43
N SER A 192 13.44 21.84 -2.26
CA SER A 192 12.86 22.25 -0.98
C SER A 192 12.17 21.12 -0.23
N SER A 193 12.22 19.88 -0.76
CA SER A 193 11.60 18.72 -0.14
C SER A 193 12.15 18.49 1.27
N PRO A 194 11.26 18.31 2.25
CA PRO A 194 11.74 18.07 3.63
C PRO A 194 12.19 16.60 3.90
N HIS A 195 12.12 15.75 2.86
CA HIS A 195 12.42 14.34 2.92
C HIS A 195 13.85 14.02 2.50
N ILE A 196 14.53 14.98 1.80
CA ILE A 196 15.87 14.85 1.25
C ILE A 196 16.85 15.69 2.03
N HIS A 197 18.06 15.17 2.23
CA HIS A 197 19.06 15.85 3.06
C HIS A 197 20.44 15.73 2.44
N PRO A 198 21.41 16.64 2.67
CA PRO A 198 22.75 16.44 2.08
C PRO A 198 23.53 15.35 2.81
N VAL A 199 24.52 14.77 2.15
CA VAL A 199 25.38 13.74 2.72
C VAL A 199 25.99 14.23 4.03
N GLY A 200 25.83 13.42 5.09
CA GLY A 200 26.30 13.70 6.44
C GLY A 200 25.26 14.27 7.39
N TRP A 201 24.03 14.52 6.90
CA TRP A 201 22.95 15.05 7.74
C TRP A 201 22.70 14.08 8.92
N CYS A 202 22.63 12.78 8.63
CA CYS A 202 22.37 11.72 9.60
C CYS A 202 23.32 11.67 10.80
N LYS A 203 24.64 11.83 10.57
CA LYS A 203 25.68 11.78 11.60
C LYS A 203 25.51 13.00 12.49
N GLU A 204 25.20 14.15 11.85
CA GLU A 204 25.01 15.44 12.49
C GLU A 204 23.79 15.45 13.43
N HIS A 205 22.72 14.73 13.06
CA HIS A 205 21.49 14.66 13.86
C HIS A 205 21.39 13.39 14.72
N ARG A 206 22.55 12.68 14.93
CA ARG A 206 22.70 11.44 15.72
C ARG A 206 21.76 10.30 15.22
N ARG A 207 21.38 10.35 13.91
CA ARG A 207 20.50 9.40 13.26
C ARG A 207 21.26 8.27 12.57
N THR A 208 20.62 7.10 12.49
CA THR A 208 21.19 5.99 11.77
C THR A 208 20.90 6.20 10.29
N LEU A 209 21.95 6.13 9.46
CA LEU A 209 21.81 6.23 8.01
C LEU A 209 21.75 4.78 7.55
N ILE A 210 20.69 4.43 6.83
CA ILE A 210 20.51 3.08 6.29
C ILE A 210 21.36 2.97 5.03
N THR A 211 22.27 1.98 5.01
CA THR A 211 23.24 1.76 3.93
C THR A 211 22.68 0.83 2.85
N PRO A 212 23.25 0.87 1.61
CA PRO A 212 22.71 0.01 0.54
C PRO A 212 22.77 -1.48 0.88
N PRO A 213 21.70 -2.25 0.58
CA PRO A 213 21.77 -3.71 0.78
C PRO A 213 22.99 -4.27 0.06
N GLY A 214 23.60 -5.31 0.63
CA GLY A 214 24.78 -5.94 0.07
C GLY A 214 26.06 -5.14 0.21
N TYR A 215 25.94 -3.88 0.68
CA TYR A 215 27.11 -3.04 0.92
C TYR A 215 27.70 -3.49 2.26
N PRO A 216 28.97 -3.98 2.27
CA PRO A 216 29.56 -4.57 3.50
C PRO A 216 29.60 -3.67 4.73
N ASN A 217 29.81 -2.33 4.56
CA ASN A 217 29.86 -1.35 5.64
C ASN A 217 28.46 -0.85 6.00
N VAL A 218 27.98 -1.27 7.15
CA VAL A 218 26.65 -0.91 7.66
C VAL A 218 26.92 0.09 8.79
N LYS A 219 27.63 -0.39 9.82
CA LYS A 219 27.95 0.35 11.03
C LYS A 219 29.18 1.29 10.88
N HIS A 220 30.02 1.06 9.86
CA HIS A 220 31.21 1.85 9.59
C HIS A 220 31.15 2.40 8.14
N PHE A 221 30.08 3.12 7.82
CA PHE A 221 29.88 3.68 6.48
C PHE A 221 30.58 5.01 6.30
N SER A 222 31.36 5.11 5.21
CA SER A 222 32.07 6.31 4.81
C SER A 222 31.48 6.75 3.50
N TRP A 223 30.97 7.99 3.49
CA TRP A 223 30.42 8.63 2.32
C TRP A 223 31.53 8.84 1.31
N ASP A 224 32.71 9.25 1.74
CA ASP A 224 33.83 9.53 0.84
C ASP A 224 34.34 8.26 0.12
N LYS A 225 34.29 7.09 0.78
CA LYS A 225 34.72 5.83 0.19
C LYS A 225 33.71 5.42 -0.85
N TYR A 226 32.41 5.48 -0.45
CA TYR A 226 31.26 5.15 -1.29
C TYR A 226 31.22 5.98 -2.57
N LEU A 227 31.46 7.32 -2.46
CA LEU A 227 31.47 8.23 -3.60
C LEU A 227 32.64 7.95 -4.57
N GLU A 228 33.74 7.35 -4.08
CA GLU A 228 34.87 6.96 -4.91
C GLU A 228 34.51 5.65 -5.61
N GLU A 229 34.00 4.68 -4.83
CA GLU A 229 33.59 3.37 -5.31
C GLU A 229 32.54 3.43 -6.39
N THR A 230 31.62 4.39 -6.30
CA THR A 230 30.51 4.54 -7.25
C THR A 230 30.80 5.60 -8.31
N ASN A 231 31.94 6.33 -8.19
CA ASN A 231 32.39 7.41 -9.09
C ASN A 231 31.31 8.48 -9.20
N SER A 232 30.74 8.81 -8.04
CA SER A 232 29.68 9.78 -7.93
C SER A 232 30.08 11.01 -7.17
N LEU A 233 29.27 12.05 -7.34
CA LEU A 233 29.40 13.36 -6.74
C LEU A 233 28.26 13.54 -5.77
N PRO A 234 28.49 14.21 -4.63
CA PRO A 234 27.38 14.43 -3.70
C PRO A 234 26.53 15.60 -4.15
N ALA A 235 25.25 15.60 -3.82
CA ALA A 235 24.44 16.78 -4.12
C ALA A 235 24.98 17.92 -3.19
N PRO A 236 25.39 19.11 -3.74
CA PRO A 236 25.88 20.19 -2.86
C PRO A 236 24.89 20.60 -1.79
N ALA A 237 25.38 20.90 -0.56
CA ALA A 237 24.56 21.32 0.59
C ALA A 237 23.68 22.54 0.26
N ARG A 238 24.22 23.46 -0.57
CA ARG A 238 23.65 24.72 -1.05
C ARG A 238 22.49 24.52 -2.08
N ALA A 239 22.31 23.31 -2.59
CA ALA A 239 21.24 23.01 -3.55
C ALA A 239 19.92 22.78 -2.84
N PHE A 240 20.02 22.56 -1.52
CA PHE A 240 18.91 22.26 -0.63
C PHE A 240 18.35 23.54 -0.15
N LYS A 241 17.03 23.71 -0.32
CA LYS A 241 16.38 24.96 0.05
C LYS A 241 15.36 24.76 1.13
N VAL A 242 15.16 25.83 1.89
CA VAL A 242 14.25 25.97 3.01
C VAL A 242 12.82 25.84 2.48
N LYS A 243 11.98 25.04 3.16
CA LYS A 243 10.57 24.96 2.80
C LYS A 243 9.85 25.93 3.74
N PRO A 244 9.30 27.07 3.22
CA PRO A 244 8.59 28.00 4.11
C PRO A 244 7.37 27.32 4.75
N PRO A 245 6.96 27.72 5.98
CA PRO A 245 5.81 27.06 6.61
C PRO A 245 4.49 27.37 5.90
N HIS A 246 3.61 26.35 5.79
CA HIS A 246 2.31 26.46 5.12
C HIS A 246 1.38 27.52 5.77
N GLY A 247 1.31 27.53 7.10
CA GLY A 247 0.49 28.48 7.82
C GLY A 247 -0.91 28.04 8.13
N PHE A 248 -1.35 26.89 7.56
CA PHE A 248 -2.66 26.30 7.81
C PHE A 248 -2.81 26.09 9.34
N GLN A 249 -3.94 26.53 9.92
CA GLN A 249 -4.16 26.48 11.38
C GLN A 249 -5.30 25.52 11.76
N LYS A 250 -5.14 24.79 12.90
CA LYS A 250 -6.12 23.78 13.35
C LYS A 250 -7.55 24.33 13.41
N LYS A 251 -8.52 23.52 12.91
CA LYS A 251 -9.98 23.78 12.81
C LYS A 251 -10.38 24.44 11.47
N MET A 252 -9.41 24.95 10.67
CA MET A 252 -9.63 25.58 9.35
C MET A 252 -10.18 24.60 8.30
N LYS A 253 -11.04 25.11 7.39
CA LYS A 253 -11.70 24.28 6.36
C LYS A 253 -11.07 24.40 4.96
N LEU A 254 -11.22 23.31 4.15
CA LEU A 254 -10.71 23.19 2.77
C LEU A 254 -11.41 22.05 2.00
N GLU A 255 -10.95 21.75 0.79
CA GLU A 255 -11.45 20.67 -0.06
C GLU A 255 -10.34 19.64 -0.28
N VAL A 256 -10.62 18.36 0.02
CA VAL A 256 -9.61 17.29 -0.05
C VAL A 256 -10.15 16.09 -0.86
N VAL A 257 -9.28 15.52 -1.73
CA VAL A 257 -9.55 14.32 -2.52
C VAL A 257 -9.51 13.12 -1.55
N ASP A 258 -10.52 12.24 -1.58
CA ASP A 258 -10.56 11.06 -0.73
C ASP A 258 -9.54 10.01 -1.22
N LYS A 259 -8.46 9.78 -0.45
CA LYS A 259 -7.40 8.80 -0.72
C LYS A 259 -8.00 7.42 -1.11
N ARG A 260 -9.01 6.98 -0.35
CA ARG A 260 -9.78 5.73 -0.48
C ARG A 260 -10.52 5.62 -1.83
N ASN A 261 -11.50 6.52 -2.09
CA ASN A 261 -12.23 6.59 -3.36
C ASN A 261 -11.87 7.95 -3.98
N PRO A 262 -10.71 8.06 -4.71
CA PRO A 262 -10.27 9.37 -5.23
C PRO A 262 -11.15 10.03 -6.28
N MET A 263 -12.27 9.40 -6.68
CA MET A 263 -13.19 10.02 -7.63
C MET A 263 -13.95 11.18 -6.95
N PHE A 264 -13.91 11.21 -5.60
CA PHE A 264 -14.58 12.19 -4.76
C PHE A 264 -13.66 13.20 -4.14
N ILE A 265 -14.19 14.42 -3.98
CA ILE A 265 -13.58 15.54 -3.26
C ILE A 265 -14.59 15.83 -2.16
N ARG A 266 -14.12 15.87 -0.91
CA ARG A 266 -15.01 16.00 0.24
C ARG A 266 -14.78 17.28 1.06
N VAL A 267 -15.79 17.63 1.90
CA VAL A 267 -15.70 18.75 2.83
C VAL A 267 -14.76 18.31 3.97
N ALA A 268 -13.56 18.94 4.03
CA ALA A 268 -12.54 18.63 5.01
C ALA A 268 -12.29 19.75 6.02
N THR A 269 -11.59 19.39 7.11
CA THR A 269 -11.20 20.27 8.22
C THR A 269 -9.72 19.95 8.51
N VAL A 270 -8.95 20.93 9.00
CA VAL A 270 -7.54 20.72 9.38
C VAL A 270 -7.62 20.26 10.86
N ALA A 271 -7.63 18.91 11.07
CA ALA A 271 -7.75 18.26 12.39
C ALA A 271 -6.55 18.56 13.27
N ASP A 272 -5.33 18.45 12.69
CA ASP A 272 -4.06 18.72 13.35
C ASP A 272 -3.04 19.23 12.34
N THR A 273 -2.05 19.99 12.83
CA THR A 273 -1.00 20.58 12.02
C THR A 273 0.36 19.99 12.39
N ASP A 274 1.24 19.93 11.40
CA ASP A 274 2.62 19.45 11.47
C ASP A 274 3.47 20.60 10.90
N ASP A 275 4.80 20.44 10.81
CA ASP A 275 5.68 21.49 10.24
C ASP A 275 5.45 21.66 8.73
N HIS A 276 5.25 20.52 8.00
CA HIS A 276 4.97 20.48 6.55
C HIS A 276 3.71 19.67 6.16
N ARG A 277 3.02 19.02 7.13
CA ARG A 277 1.82 18.22 6.84
C ARG A 277 0.57 18.75 7.55
N VAL A 278 -0.62 18.23 7.17
CA VAL A 278 -1.93 18.58 7.75
C VAL A 278 -2.74 17.30 7.94
N LYS A 279 -3.64 17.28 8.94
CA LYS A 279 -4.48 16.10 9.17
C LYS A 279 -5.91 16.38 8.71
N VAL A 280 -6.27 15.80 7.58
CA VAL A 280 -7.58 15.98 6.96
C VAL A 280 -8.67 15.18 7.70
N HIS A 281 -9.76 15.85 8.05
CA HIS A 281 -10.91 15.20 8.67
C HIS A 281 -12.09 15.46 7.78
N PHE A 282 -12.78 14.40 7.34
CA PHE A 282 -13.95 14.56 6.47
C PHE A 282 -15.19 14.72 7.33
N ASP A 283 -15.77 15.93 7.31
CA ASP A 283 -16.94 16.34 8.10
C ASP A 283 -18.10 15.34 7.98
N GLY A 284 -18.66 14.95 9.14
CA GLY A 284 -19.74 13.96 9.26
C GLY A 284 -19.23 12.57 9.57
N TRP A 285 -18.21 12.13 8.82
CA TRP A 285 -17.53 10.83 8.94
C TRP A 285 -16.69 10.79 10.22
N ASN A 286 -16.46 9.57 10.76
CA ASN A 286 -15.71 9.35 11.99
C ASN A 286 -14.21 9.71 11.89
N ASN A 287 -13.60 10.01 13.04
CA ASN A 287 -12.19 10.39 13.25
C ASN A 287 -11.18 9.30 12.80
N CYS A 288 -11.68 8.07 12.53
CA CYS A 288 -10.86 6.95 12.05
C CYS A 288 -10.48 7.11 10.56
N TYR A 289 -11.30 7.87 9.81
CA TYR A 289 -11.07 8.14 8.39
C TYR A 289 -9.92 9.15 8.18
N ASP A 290 -9.62 9.96 9.22
CA ASP A 290 -8.55 10.96 9.21
C ASP A 290 -7.18 10.36 8.87
N TYR A 291 -6.37 11.12 8.14
CA TYR A 291 -5.01 10.75 7.72
C TYR A 291 -4.13 11.99 7.51
N TRP A 292 -2.79 11.80 7.45
CA TRP A 292 -1.84 12.89 7.20
C TRP A 292 -1.53 12.98 5.73
N ILE A 293 -1.21 14.19 5.25
CA ILE A 293 -0.95 14.55 3.85
C ILE A 293 -0.10 15.84 3.81
N ASP A 294 0.81 15.99 2.83
CA ASP A 294 1.65 17.20 2.71
C ASP A 294 0.73 18.40 2.39
N ALA A 295 0.98 19.55 3.02
CA ALA A 295 0.14 20.74 2.83
C ALA A 295 0.36 21.40 1.47
N ASP A 296 1.29 20.87 0.64
CA ASP A 296 1.59 21.35 -0.73
C ASP A 296 1.14 20.29 -1.79
N SER A 297 0.27 19.36 -1.35
CA SER A 297 -0.26 18.31 -2.20
C SER A 297 -1.20 18.93 -3.22
N PRO A 298 -1.18 18.48 -4.49
CA PRO A 298 -2.16 19.02 -5.45
C PRO A 298 -3.52 18.37 -5.27
N ASP A 299 -3.72 17.66 -4.14
CA ASP A 299 -4.97 16.96 -3.82
C ASP A 299 -5.74 17.64 -2.69
N ILE A 300 -5.18 18.73 -2.13
CA ILE A 300 -5.82 19.58 -1.13
C ILE A 300 -6.00 20.94 -1.79
N HIS A 301 -7.19 21.54 -1.63
CA HIS A 301 -7.55 22.73 -2.38
C HIS A 301 -8.29 23.79 -1.55
N PRO A 302 -8.43 25.06 -2.06
CA PRO A 302 -9.20 26.06 -1.32
C PRO A 302 -10.71 25.83 -1.48
N VAL A 303 -11.47 26.38 -0.57
CA VAL A 303 -12.92 26.36 -0.58
C VAL A 303 -13.45 26.96 -1.92
N GLY A 304 -14.36 26.25 -2.58
CA GLY A 304 -14.99 26.68 -3.83
C GLY A 304 -14.26 26.25 -5.08
N TRP A 305 -13.16 25.49 -4.91
CA TRP A 305 -12.34 24.93 -5.99
C TRP A 305 -13.20 24.02 -6.81
N CYS A 306 -14.01 23.18 -6.16
CA CYS A 306 -14.95 22.27 -6.81
C CYS A 306 -16.00 23.05 -7.60
N SER A 307 -16.66 24.03 -6.92
CA SER A 307 -17.68 24.88 -7.53
C SER A 307 -17.13 25.55 -8.78
N LYS A 308 -15.92 26.11 -8.70
CA LYS A 308 -15.29 26.82 -9.81
C LYS A 308 -14.87 25.91 -10.95
N THR A 309 -14.43 24.70 -10.64
CA THR A 309 -13.90 23.80 -11.67
C THR A 309 -14.96 22.91 -12.34
N GLY A 310 -16.12 22.75 -11.72
CA GLY A 310 -17.18 21.92 -12.24
C GLY A 310 -17.10 20.50 -11.72
N HIS A 311 -16.43 20.35 -10.56
CA HIS A 311 -16.22 19.07 -9.90
C HIS A 311 -17.25 18.93 -8.79
N PRO A 312 -18.01 17.82 -8.74
CA PRO A 312 -18.96 17.65 -7.63
C PRO A 312 -18.20 17.53 -6.31
N LEU A 313 -18.77 18.12 -5.25
CA LEU A 313 -18.18 18.11 -3.91
C LEU A 313 -19.07 17.29 -3.00
N GLN A 314 -18.44 16.43 -2.19
CA GLN A 314 -19.17 15.59 -1.25
C GLN A 314 -19.42 16.37 0.03
N PRO A 315 -20.69 16.78 0.26
CA PRO A 315 -21.01 17.52 1.51
C PRO A 315 -20.76 16.64 2.74
N PRO A 316 -20.78 17.20 3.97
CA PRO A 316 -20.56 16.35 5.16
C PRO A 316 -21.60 15.23 5.33
N LEU A 317 -21.16 14.02 5.75
CA LEU A 317 -22.05 12.87 5.96
C LEU A 317 -22.88 13.03 7.23
N ALA B 4 -31.51 0.05 13.63
CA ALA B 4 -32.37 -1.07 13.28
C ALA B 4 -32.09 -1.58 11.86
N TRP B 5 -31.93 -2.91 11.73
CA TRP B 5 -31.67 -3.62 10.48
C TRP B 5 -31.70 -5.14 10.70
N CYS B 6 -32.15 -5.90 9.69
CA CYS B 6 -32.21 -7.37 9.72
C CYS B 6 -31.91 -7.96 8.35
N TRP B 7 -31.17 -9.07 8.34
CA TRP B 7 -30.79 -9.82 7.15
C TRP B 7 -32.00 -10.50 6.46
N ALA B 8 -32.98 -10.98 7.28
CA ALA B 8 -34.19 -11.69 6.86
C ALA B 8 -35.09 -10.84 5.96
N SER B 9 -35.42 -9.62 6.41
CA SER B 9 -36.23 -8.66 5.66
C SER B 9 -35.47 -8.20 4.41
N TYR B 10 -34.15 -7.99 4.54
CA TYR B 10 -33.27 -7.57 3.45
C TYR B 10 -33.17 -8.62 2.33
N LEU B 11 -33.16 -9.93 2.70
CA LEU B 11 -33.10 -11.02 1.72
C LEU B 11 -34.43 -11.16 0.94
N GLU B 12 -35.58 -10.92 1.60
CA GLU B 12 -36.90 -10.99 0.94
C GLU B 12 -37.14 -9.77 0.05
N GLU B 13 -36.68 -8.58 0.49
CA GLU B 13 -36.83 -7.31 -0.23
C GLU B 13 -35.96 -7.26 -1.48
N GLU B 14 -34.64 -7.56 -1.36
CA GLU B 14 -33.70 -7.55 -2.49
C GLU B 14 -33.73 -8.85 -3.32
N LYS B 15 -34.62 -9.82 -2.95
CA LYS B 15 -34.85 -11.12 -3.60
C LYS B 15 -33.54 -11.83 -3.97
N ALA B 16 -32.76 -12.21 -2.94
CA ALA B 16 -31.48 -12.91 -3.06
C ALA B 16 -31.25 -13.86 -1.88
N VAL B 17 -30.51 -14.96 -2.14
CA VAL B 17 -30.18 -15.98 -1.14
C VAL B 17 -28.71 -15.84 -0.74
N ALA B 18 -28.44 -15.94 0.57
CA ALA B 18 -27.10 -15.79 1.17
C ALA B 18 -26.17 -16.94 0.84
N VAL B 19 -24.83 -16.68 0.91
CA VAL B 19 -23.76 -17.67 0.74
C VAL B 19 -23.97 -18.69 1.88
N PRO B 20 -24.32 -19.97 1.55
CA PRO B 20 -24.62 -20.95 2.62
C PRO B 20 -23.50 -21.11 3.64
N ALA B 21 -23.88 -21.38 4.92
CA ALA B 21 -22.95 -21.55 6.04
C ALA B 21 -21.86 -22.60 5.76
N LYS B 22 -22.26 -23.77 5.16
CA LYS B 22 -21.40 -24.89 4.78
C LYS B 22 -20.23 -24.47 3.86
N LEU B 23 -20.49 -23.53 2.93
CA LEU B 23 -19.53 -23.00 1.96
C LEU B 23 -18.32 -22.28 2.62
N PHE B 24 -18.44 -21.92 3.93
CA PHE B 24 -17.41 -21.24 4.71
C PHE B 24 -16.48 -22.22 5.41
N LYS B 25 -15.22 -21.80 5.62
CA LYS B 25 -14.18 -22.57 6.30
C LYS B 25 -14.30 -22.35 7.81
N GLU B 26 -13.69 -23.25 8.62
CA GLU B 26 -13.70 -23.24 10.09
C GLU B 26 -13.32 -21.86 10.72
N HIS B 27 -12.32 -21.13 10.13
CA HIS B 27 -11.88 -19.81 10.62
C HIS B 27 -12.81 -18.65 10.17
N GLN B 28 -13.75 -18.91 9.23
CA GLN B 28 -14.69 -17.90 8.70
C GLN B 28 -16.07 -18.02 9.32
N SER B 29 -16.48 -19.25 9.66
CA SER B 29 -17.80 -19.59 10.21
C SER B 29 -17.97 -19.19 11.68
N PHE B 30 -19.10 -19.59 12.29
CA PHE B 30 -19.46 -19.30 13.67
C PHE B 30 -18.51 -20.03 14.60
N PRO B 31 -17.80 -19.29 15.50
CA PRO B 31 -16.85 -19.96 16.41
C PRO B 31 -17.51 -20.77 17.52
N TYR B 32 -16.77 -21.74 18.06
CA TYR B 32 -17.23 -22.65 19.13
C TYR B 32 -17.20 -21.98 20.51
N ASN B 33 -16.20 -21.09 20.74
CA ASN B 33 -16.00 -20.40 22.02
C ASN B 33 -16.21 -18.86 21.94
N LYS B 34 -16.21 -18.22 23.12
CA LYS B 34 -16.33 -16.77 23.32
C LYS B 34 -14.92 -16.15 23.22
N ASN B 35 -14.83 -14.81 23.20
CA ASN B 35 -13.55 -14.09 23.08
C ASN B 35 -12.90 -13.98 24.44
N GLY B 36 -11.84 -14.75 24.64
CA GLY B 36 -11.10 -14.79 25.90
C GLY B 36 -10.21 -13.61 26.17
N PHE B 37 -9.94 -12.78 25.13
CA PHE B 37 -9.06 -11.62 25.25
C PHE B 37 -9.73 -10.45 25.95
N LYS B 38 -8.91 -9.65 26.64
CA LYS B 38 -9.31 -8.46 27.38
C LYS B 38 -8.26 -7.36 27.13
N VAL B 39 -8.71 -6.08 27.06
CA VAL B 39 -7.86 -4.91 26.80
C VAL B 39 -6.71 -4.81 27.81
N GLY B 40 -5.48 -4.79 27.30
CA GLY B 40 -4.28 -4.68 28.10
C GLY B 40 -3.36 -5.87 28.06
N MET B 41 -3.96 -7.10 27.89
CA MET B 41 -3.25 -8.37 27.75
C MET B 41 -2.13 -8.24 26.70
N LYS B 42 -0.91 -8.71 27.05
CA LYS B 42 0.24 -8.65 26.13
C LYS B 42 0.52 -10.02 25.51
N LEU B 43 1.00 -9.99 24.25
CA LEU B 43 1.28 -11.16 23.44
C LEU B 43 2.35 -10.89 22.38
N GLU B 44 2.63 -11.92 21.61
CA GLU B 44 3.56 -11.92 20.48
C GLU B 44 2.72 -12.16 19.24
N GLY B 45 3.15 -11.60 18.13
CA GLY B 45 2.43 -11.75 16.87
C GLY B 45 3.20 -11.24 15.67
N VAL B 46 2.92 -11.82 14.52
CA VAL B 46 3.51 -11.43 13.24
C VAL B 46 3.05 -10.01 12.84
N ASP B 47 3.98 -9.19 12.31
CA ASP B 47 3.59 -7.88 11.77
C ASP B 47 2.96 -8.18 10.36
N PRO B 48 1.67 -7.81 10.13
CA PRO B 48 1.04 -8.11 8.82
C PRO B 48 1.67 -7.43 7.61
N GLU B 49 2.42 -6.33 7.80
CA GLU B 49 3.07 -5.60 6.71
C GLU B 49 4.55 -5.99 6.53
N HIS B 50 5.12 -6.76 7.51
CA HIS B 50 6.49 -7.30 7.57
C HIS B 50 6.37 -8.66 8.21
N GLN B 51 5.84 -9.62 7.44
CA GLN B 51 5.47 -10.95 7.87
C GLN B 51 6.59 -11.88 8.32
N SER B 52 7.85 -11.41 8.28
CA SER B 52 9.00 -12.18 8.76
C SER B 52 9.34 -11.77 10.22
N VAL B 53 8.70 -10.68 10.68
CA VAL B 53 8.96 -10.05 11.99
C VAL B 53 7.86 -10.44 13.00
N TYR B 54 8.29 -10.77 14.25
CA TYR B 54 7.43 -11.13 15.39
C TYR B 54 7.49 -9.99 16.35
N CYS B 55 6.33 -9.52 16.78
CA CYS B 55 6.28 -8.33 17.60
C CYS B 55 5.57 -8.48 18.94
N VAL B 56 5.96 -7.59 19.87
CA VAL B 56 5.41 -7.40 21.19
C VAL B 56 4.09 -6.57 20.96
N LEU B 57 2.95 -7.22 21.25
CA LEU B 57 1.62 -6.65 21.04
C LEU B 57 0.84 -6.53 22.34
N THR B 58 -0.19 -5.66 22.33
CA THR B 58 -1.12 -5.40 23.43
C THR B 58 -2.52 -5.32 22.83
N VAL B 59 -3.47 -6.02 23.47
CA VAL B 59 -4.87 -5.99 23.06
C VAL B 59 -5.39 -4.57 23.34
N ALA B 60 -5.47 -3.75 22.28
CA ALA B 60 -5.89 -2.36 22.34
C ALA B 60 -7.41 -2.22 22.51
N GLU B 61 -8.17 -3.11 21.84
CA GLU B 61 -9.63 -3.09 21.84
C GLU B 61 -10.14 -4.51 21.60
N VAL B 62 -11.27 -4.85 22.24
CA VAL B 62 -11.93 -6.14 22.10
C VAL B 62 -13.32 -5.81 21.57
N CYS B 63 -13.69 -6.42 20.43
CA CYS B 63 -15.01 -6.21 19.83
C CYS B 63 -15.51 -7.46 19.10
N GLY B 64 -16.49 -8.13 19.70
CA GLY B 64 -17.04 -9.35 19.14
C GLY B 64 -16.03 -10.47 19.26
N TYR B 65 -15.80 -11.22 18.17
CA TYR B 65 -14.80 -12.31 18.17
C TYR B 65 -13.50 -11.77 17.57
N ARG B 66 -13.31 -10.46 17.64
CA ARG B 66 -12.15 -9.78 17.11
C ARG B 66 -11.39 -9.01 18.17
N ILE B 67 -10.12 -8.72 17.89
CA ILE B 67 -9.23 -7.94 18.75
C ILE B 67 -8.39 -6.99 17.89
N LYS B 68 -8.22 -5.75 18.36
CA LYS B 68 -7.38 -4.74 17.73
C LYS B 68 -6.07 -4.82 18.49
N LEU B 69 -4.96 -5.05 17.77
CA LEU B 69 -3.66 -5.21 18.41
C LEU B 69 -2.78 -3.99 18.18
N HIS B 70 -2.06 -3.56 19.25
CA HIS B 70 -1.15 -2.40 19.20
C HIS B 70 0.32 -2.83 19.25
N PHE B 71 1.17 -2.22 18.37
CA PHE B 71 2.62 -2.45 18.36
C PHE B 71 3.17 -1.50 19.44
N ASP B 72 3.61 -2.06 20.59
CA ASP B 72 4.11 -1.33 21.76
C ASP B 72 5.25 -0.37 21.43
N GLY B 73 5.09 0.89 21.85
CA GLY B 73 6.08 1.93 21.60
C GLY B 73 5.92 2.65 20.27
N TYR B 74 5.31 1.99 19.28
CA TYR B 74 5.05 2.52 17.95
C TYR B 74 3.67 3.20 17.91
N SER B 75 3.43 4.05 16.89
CA SER B 75 2.20 4.81 16.66
C SER B 75 0.94 3.91 16.64
N ASP B 76 -0.22 4.46 17.07
CA ASP B 76 -1.55 3.79 17.07
C ASP B 76 -2.03 3.60 15.63
N CYS B 77 -1.40 4.33 14.68
CA CYS B 77 -1.69 4.30 13.24
C CYS B 77 -1.34 2.93 12.60
N TYR B 78 -0.56 2.11 13.30
CA TYR B 78 -0.17 0.77 12.82
C TYR B 78 -1.01 -0.33 13.46
N ASP B 79 -1.97 0.01 14.34
CA ASP B 79 -2.82 -0.98 15.01
C ASP B 79 -3.67 -1.71 13.99
N PHE B 80 -3.84 -3.01 14.19
CA PHE B 80 -4.55 -3.86 13.25
C PHE B 80 -5.53 -4.82 13.92
N TRP B 81 -6.50 -5.34 13.15
CA TRP B 81 -7.55 -6.22 13.62
C TRP B 81 -7.38 -7.62 13.13
N VAL B 82 -7.67 -8.60 14.02
CA VAL B 82 -7.66 -10.04 13.74
C VAL B 82 -8.78 -10.69 14.53
N ASN B 83 -9.17 -11.92 14.16
CA ASN B 83 -10.17 -12.71 14.89
C ASN B 83 -9.49 -13.32 16.14
N ALA B 84 -10.28 -13.61 17.21
CA ALA B 84 -9.78 -14.19 18.47
C ALA B 84 -9.09 -15.57 18.30
N ASP B 85 -9.31 -16.24 17.16
CA ASP B 85 -8.75 -17.54 16.86
C ASP B 85 -7.68 -17.47 15.76
N ALA B 86 -7.11 -16.26 15.50
CA ALA B 86 -6.10 -16.02 14.48
C ALA B 86 -4.87 -16.88 14.71
N LEU B 87 -4.23 -17.35 13.61
CA LEU B 87 -3.08 -18.24 13.73
C LEU B 87 -1.71 -17.52 13.87
N ASP B 88 -1.60 -16.23 13.47
CA ASP B 88 -0.30 -15.54 13.53
C ASP B 88 -0.07 -14.67 14.80
N ILE B 89 -0.72 -15.06 15.92
CA ILE B 89 -0.62 -14.44 17.25
C ILE B 89 -0.24 -15.56 18.26
N HIS B 90 0.72 -15.28 19.16
CA HIS B 90 1.27 -16.28 20.09
C HIS B 90 1.44 -15.76 21.51
N PRO B 91 1.39 -16.64 22.54
CA PRO B 91 1.56 -16.15 23.91
C PRO B 91 2.95 -15.64 24.21
N VAL B 92 3.09 -14.86 25.30
CA VAL B 92 4.36 -14.32 25.78
C VAL B 92 5.28 -15.52 26.02
N GLY B 93 6.49 -15.47 25.45
CA GLY B 93 7.50 -16.51 25.60
C GLY B 93 7.59 -17.55 24.50
N TRP B 94 6.72 -17.44 23.49
CA TRP B 94 6.66 -18.36 22.37
C TRP B 94 7.90 -18.25 21.46
N CYS B 95 8.37 -17.03 21.19
CA CYS B 95 9.55 -16.83 20.36
C CYS B 95 10.78 -17.46 21.01
N GLU B 96 10.95 -17.28 22.34
CA GLU B 96 12.07 -17.89 23.07
C GLU B 96 11.96 -19.43 23.09
N LYS B 97 10.73 -19.96 23.22
CA LYS B 97 10.47 -21.40 23.26
C LYS B 97 10.79 -22.08 21.92
N THR B 98 10.40 -21.44 20.80
CA THR B 98 10.51 -21.97 19.43
C THR B 98 11.73 -21.45 18.62
N GLY B 99 12.69 -20.82 19.29
CA GLY B 99 13.88 -20.30 18.66
C GLY B 99 13.63 -19.20 17.64
N HIS B 100 12.53 -18.43 17.82
CA HIS B 100 12.18 -17.32 16.93
C HIS B 100 12.74 -15.98 17.42
N LYS B 101 12.91 -15.04 16.47
CA LYS B 101 13.45 -13.71 16.74
C LYS B 101 12.27 -12.78 16.99
N LEU B 102 12.19 -12.22 18.19
CA LEU B 102 11.13 -11.30 18.61
C LEU B 102 11.66 -9.87 18.56
N HIS B 103 10.96 -8.99 17.88
CA HIS B 103 11.33 -7.58 17.79
C HIS B 103 10.73 -6.89 19.03
N PRO B 104 11.57 -6.24 19.87
CA PRO B 104 11.04 -5.62 21.11
C PRO B 104 10.29 -4.31 20.86
N PRO B 105 9.70 -3.64 21.88
CA PRO B 105 9.00 -2.36 21.60
C PRO B 105 9.93 -1.26 21.08
N LYS B 106 9.37 -0.12 20.64
CA LYS B 106 10.16 0.98 20.08
C LYS B 106 11.18 1.52 21.09
N GLY B 107 12.42 1.66 20.63
CA GLY B 107 13.55 2.14 21.43
C GLY B 107 14.20 1.10 22.32
N TYR B 108 13.70 -0.14 22.29
CA TYR B 108 14.24 -1.26 23.05
C TYR B 108 15.18 -2.04 22.17
N LYS B 109 16.41 -2.29 22.64
CA LYS B 109 17.36 -3.14 21.92
C LYS B 109 17.04 -4.60 22.31
N GLU B 110 17.23 -5.55 21.37
CA GLU B 110 16.98 -6.99 21.59
C GLU B 110 17.73 -7.50 22.81
N GLU B 111 18.97 -7.01 23.00
CA GLU B 111 19.89 -7.29 24.09
C GLU B 111 19.40 -6.76 25.45
N GLU B 112 18.42 -5.83 25.45
CA GLU B 112 17.92 -5.23 26.68
C GLU B 112 16.46 -5.61 26.99
N PHE B 113 15.82 -6.44 26.16
CA PHE B 113 14.42 -6.81 26.38
C PHE B 113 14.23 -8.12 27.14
N ASN B 114 13.31 -8.12 28.12
CA ASN B 114 12.87 -9.26 28.92
C ASN B 114 11.39 -9.06 29.28
N TRP B 115 10.51 -10.01 28.85
CA TRP B 115 9.05 -10.05 29.07
C TRP B 115 8.66 -9.93 30.55
N GLN B 116 9.22 -10.83 31.40
CA GLN B 116 8.99 -10.93 32.84
C GLN B 116 9.14 -9.58 33.56
N THR B 117 10.15 -8.78 33.15
CA THR B 117 10.44 -7.46 33.71
C THR B 117 9.58 -6.40 33.02
N TYR B 118 9.46 -6.47 31.68
CA TYR B 118 8.65 -5.56 30.87
C TYR B 118 7.20 -5.55 31.35
N LEU B 119 6.61 -6.73 31.59
CA LEU B 119 5.26 -6.89 32.15
C LEU B 119 5.14 -6.21 33.53
N LYS B 120 6.17 -6.37 34.41
CA LYS B 120 6.19 -5.75 35.75
C LYS B 120 6.39 -4.23 35.70
N THR B 121 6.78 -3.69 34.54
CA THR B 121 6.98 -2.27 34.27
C THR B 121 5.67 -1.65 33.78
N CYS B 122 4.97 -2.34 32.87
CA CYS B 122 3.69 -1.90 32.31
C CYS B 122 2.51 -2.30 33.20
N LYS B 123 2.78 -2.88 34.40
CA LYS B 123 1.76 -3.40 35.33
C LYS B 123 0.66 -4.09 34.51
N ALA B 124 1.10 -4.97 33.63
CA ALA B 124 0.29 -5.68 32.66
C ALA B 124 0.34 -7.18 32.87
N GLN B 125 -0.61 -7.89 32.24
CA GLN B 125 -0.68 -9.34 32.28
C GLN B 125 -0.48 -9.90 30.88
N ALA B 126 0.17 -11.07 30.80
CA ALA B 126 0.34 -11.79 29.54
C ALA B 126 -1.01 -12.41 29.19
N ALA B 127 -1.28 -12.62 27.90
CA ALA B 127 -2.53 -13.28 27.47
C ALA B 127 -2.35 -14.76 27.84
N PRO B 128 -3.29 -15.39 28.61
CA PRO B 128 -3.13 -16.81 28.96
C PRO B 128 -2.94 -17.72 27.75
N LYS B 129 -2.01 -18.69 27.84
CA LYS B 129 -1.71 -19.68 26.78
C LYS B 129 -2.97 -20.38 26.23
N SER B 130 -3.98 -20.61 27.10
CA SER B 130 -5.25 -21.29 26.78
C SER B 130 -5.99 -20.66 25.59
N LEU B 131 -5.89 -19.32 25.44
CA LEU B 131 -6.57 -18.56 24.38
C LEU B 131 -6.02 -18.86 22.99
N PHE B 132 -4.84 -19.50 22.91
CA PHE B 132 -4.14 -19.78 21.67
C PHE B 132 -4.32 -21.23 21.15
N GLU B 133 -4.88 -22.15 21.99
CA GLU B 133 -5.14 -23.55 21.63
C GLU B 133 -6.25 -23.66 20.54
N ASN B 134 -5.87 -23.34 19.27
CA ASN B 134 -6.76 -23.32 18.10
C ASN B 134 -7.26 -24.73 17.73
N SER B 142 1.62 -30.52 6.13
CA SER B 142 2.38 -30.02 4.98
C SER B 142 3.67 -30.80 4.74
N GLY B 143 4.05 -30.92 3.47
CA GLY B 143 5.29 -31.59 3.06
C GLY B 143 6.49 -30.65 2.95
N PHE B 144 6.28 -29.35 3.21
CA PHE B 144 7.30 -28.30 3.15
C PHE B 144 8.17 -28.24 4.41
N ARG B 145 9.47 -27.96 4.24
CA ARG B 145 10.46 -27.81 5.32
C ARG B 145 11.23 -26.50 5.08
N VAL B 146 11.72 -25.86 6.16
CA VAL B 146 12.47 -24.59 6.08
C VAL B 146 13.72 -24.80 5.22
N GLY B 147 13.98 -23.87 4.30
CA GLY B 147 15.11 -23.96 3.39
C GLY B 147 14.73 -24.40 1.98
N MET B 148 13.57 -25.07 1.83
CA MET B 148 13.07 -25.57 0.55
C MET B 148 12.79 -24.43 -0.43
N LYS B 149 13.06 -24.69 -1.70
CA LYS B 149 12.91 -23.71 -2.76
C LYS B 149 11.74 -24.07 -3.63
N LEU B 150 11.04 -23.02 -4.11
CA LEU B 150 9.83 -23.12 -4.93
C LEU B 150 9.74 -21.87 -5.81
N GLU B 151 8.67 -21.76 -6.59
CA GLU B 151 8.34 -20.62 -7.44
C GLU B 151 7.07 -20.02 -6.83
N ALA B 152 7.11 -18.74 -6.46
CA ALA B 152 5.97 -18.09 -5.84
C ALA B 152 5.55 -16.80 -6.55
N VAL B 153 4.25 -16.48 -6.46
CA VAL B 153 3.68 -15.25 -6.99
C VAL B 153 3.94 -14.14 -6.00
N ASP B 154 4.37 -12.97 -6.51
CA ASP B 154 4.58 -11.80 -5.67
C ASP B 154 3.19 -11.19 -5.52
N LYS B 155 2.53 -11.44 -4.37
CA LYS B 155 1.18 -10.95 -4.06
C LYS B 155 1.05 -9.42 -4.28
N LYS B 156 2.14 -8.66 -4.08
CA LYS B 156 2.14 -7.21 -4.30
C LYS B 156 2.27 -6.84 -5.79
N ASN B 157 2.81 -7.73 -6.64
CA ASN B 157 2.98 -7.52 -8.09
C ASN B 157 2.68 -8.89 -8.73
N PRO B 158 1.36 -9.31 -8.83
CA PRO B 158 1.04 -10.71 -9.24
C PRO B 158 1.45 -11.22 -10.62
N SER B 159 1.86 -10.32 -11.52
CA SER B 159 2.36 -10.64 -12.86
C SER B 159 3.68 -11.43 -12.70
N PHE B 160 4.35 -11.26 -11.52
CA PHE B 160 5.65 -11.82 -11.19
C PHE B 160 5.56 -13.13 -10.42
N ILE B 161 6.21 -14.19 -10.97
CA ILE B 161 6.45 -15.50 -10.38
C ILE B 161 7.97 -15.59 -10.23
N CYS B 162 8.44 -15.76 -8.97
CA CYS B 162 9.86 -15.66 -8.65
C CYS B 162 10.42 -16.84 -7.83
N VAL B 163 11.78 -16.92 -7.80
CA VAL B 163 12.58 -17.86 -7.04
C VAL B 163 12.35 -17.49 -5.57
N ALA B 164 11.82 -18.45 -4.78
CA ALA B 164 11.46 -18.23 -3.38
C ALA B 164 11.92 -19.37 -2.50
N THR B 165 12.13 -19.09 -1.20
CA THR B 165 12.54 -20.08 -0.19
C THR B 165 11.50 -20.07 0.93
N VAL B 166 11.30 -21.23 1.59
CA VAL B 166 10.50 -21.35 2.81
C VAL B 166 11.50 -20.98 3.92
N THR B 167 11.33 -19.83 4.58
CA THR B 167 12.29 -19.35 5.58
C THR B 167 11.79 -19.53 7.04
N ASP B 168 10.52 -19.88 7.20
CA ASP B 168 9.94 -20.11 8.50
C ASP B 168 8.77 -21.07 8.37
N MET B 169 8.47 -21.83 9.44
CA MET B 169 7.36 -22.78 9.47
C MET B 169 6.78 -22.91 10.86
N VAL B 170 5.49 -22.57 10.98
CA VAL B 170 4.77 -22.66 12.25
C VAL B 170 3.54 -23.53 11.96
N ASP B 171 3.52 -24.74 12.54
CA ASP B 171 2.48 -25.75 12.35
C ASP B 171 2.48 -26.19 10.85
N ASN B 172 1.35 -26.03 10.14
CA ASN B 172 1.23 -26.40 8.72
C ASN B 172 1.26 -25.16 7.81
N ARG B 173 1.67 -24.02 8.41
CA ARG B 173 1.78 -22.70 7.80
C ARG B 173 3.24 -22.38 7.66
N PHE B 174 3.61 -21.81 6.50
CA PHE B 174 5.01 -21.48 6.24
C PHE B 174 5.20 -20.11 5.60
N LEU B 175 6.37 -19.56 5.79
CA LEU B 175 6.71 -18.27 5.28
C LEU B 175 7.51 -18.34 3.98
N VAL B 176 6.91 -17.76 2.92
CA VAL B 176 7.48 -17.62 1.58
C VAL B 176 8.29 -16.32 1.55
N HIS B 177 9.57 -16.42 1.24
CA HIS B 177 10.52 -15.33 1.10
C HIS B 177 11.15 -15.39 -0.31
N PHE B 178 11.28 -14.23 -0.96
CA PHE B 178 11.87 -14.07 -2.28
C PHE B 178 13.34 -13.79 -2.13
N ASP B 179 14.17 -14.68 -2.67
CA ASP B 179 15.63 -14.63 -2.60
C ASP B 179 16.18 -13.34 -3.17
N ASN B 180 16.96 -12.60 -2.34
CA ASN B 180 17.64 -11.34 -2.63
C ASN B 180 16.70 -10.12 -2.81
N TRP B 181 15.41 -10.26 -2.43
CA TRP B 181 14.45 -9.16 -2.40
C TRP B 181 14.25 -8.86 -0.93
N ASP B 182 13.78 -7.64 -0.59
CA ASP B 182 13.54 -7.30 0.81
C ASP B 182 12.41 -8.18 1.38
N GLU B 183 12.38 -8.28 2.70
CA GLU B 183 11.48 -9.13 3.43
C GLU B 183 10.04 -8.57 3.51
N SER B 184 9.80 -7.33 3.07
CA SER B 184 8.43 -6.80 3.13
C SER B 184 7.54 -7.48 2.08
N TYR B 185 8.14 -8.29 1.21
CA TYR B 185 7.43 -9.04 0.18
C TYR B 185 7.09 -10.45 0.64
N ASP B 186 7.61 -10.88 1.80
CA ASP B 186 7.37 -12.18 2.43
C ASP B 186 5.90 -12.35 2.80
N TYR B 187 5.42 -13.59 2.73
CA TYR B 187 4.05 -13.87 3.13
C TYR B 187 3.85 -15.29 3.60
N TRP B 188 3.00 -15.47 4.59
CA TRP B 188 2.64 -16.77 5.14
C TRP B 188 1.59 -17.43 4.29
N CYS B 189 1.70 -18.74 4.10
CA CYS B 189 0.68 -19.50 3.39
C CYS B 189 0.72 -21.02 3.77
N GLU B 190 -0.19 -21.79 3.16
CA GLU B 190 -0.40 -23.23 3.35
C GLU B 190 -0.12 -23.99 2.05
N ALA B 191 -0.09 -25.32 2.11
CA ALA B 191 0.21 -26.20 0.98
C ALA B 191 -0.79 -26.08 -0.18
N SER B 192 -2.02 -25.61 0.07
CA SER B 192 -3.09 -25.49 -0.93
C SER B 192 -3.11 -24.12 -1.66
N SER B 193 -2.23 -23.18 -1.27
CA SER B 193 -2.13 -21.84 -1.85
C SER B 193 -1.94 -21.84 -3.39
N PRO B 194 -2.74 -21.02 -4.12
CA PRO B 194 -2.55 -20.94 -5.59
C PRO B 194 -1.33 -20.09 -6.00
N HIS B 195 -0.74 -19.34 -5.05
CA HIS B 195 0.39 -18.45 -5.30
C HIS B 195 1.74 -19.15 -5.28
N ILE B 196 1.81 -20.43 -4.89
CA ILE B 196 3.05 -21.19 -4.79
C ILE B 196 3.05 -22.34 -5.78
N HIS B 197 4.24 -22.64 -6.37
CA HIS B 197 4.41 -23.69 -7.38
C HIS B 197 5.77 -24.39 -7.26
N PRO B 198 5.91 -25.65 -7.78
CA PRO B 198 7.20 -26.33 -7.69
C PRO B 198 8.22 -25.77 -8.67
N VAL B 199 9.51 -26.05 -8.41
CA VAL B 199 10.57 -25.64 -9.31
C VAL B 199 10.32 -26.27 -10.68
N GLY B 200 10.32 -25.43 -11.72
CA GLY B 200 10.07 -25.87 -13.08
C GLY B 200 8.66 -25.62 -13.60
N TRP B 201 7.76 -25.08 -12.74
CA TRP B 201 6.39 -24.76 -13.14
C TRP B 201 6.33 -23.65 -14.19
N CYS B 202 7.28 -22.68 -14.15
CA CYS B 202 7.27 -21.57 -15.11
C CYS B 202 7.65 -22.04 -16.51
N LYS B 203 8.72 -22.87 -16.64
CA LYS B 203 9.17 -23.42 -17.92
C LYS B 203 8.07 -24.26 -18.51
N GLU B 204 7.43 -25.08 -17.64
CA GLU B 204 6.33 -25.98 -17.96
C GLU B 204 5.12 -25.21 -18.43
N HIS B 205 4.88 -23.99 -17.89
CA HIS B 205 3.72 -23.16 -18.24
C HIS B 205 4.03 -21.95 -19.13
N ARG B 206 5.25 -21.95 -19.75
CA ARG B 206 5.74 -20.93 -20.69
C ARG B 206 5.53 -19.53 -20.11
N ARG B 207 6.00 -19.35 -18.86
CA ARG B 207 5.97 -18.14 -18.06
C ARG B 207 7.40 -17.71 -17.78
N THR B 208 7.61 -16.41 -17.49
CA THR B 208 8.94 -15.94 -17.15
C THR B 208 9.13 -16.06 -15.65
N LEU B 209 10.24 -16.69 -15.28
CA LEU B 209 10.61 -16.83 -13.88
C LEU B 209 11.56 -15.69 -13.55
N ILE B 210 11.22 -14.95 -12.50
CA ILE B 210 12.01 -13.83 -12.03
C ILE B 210 13.08 -14.44 -11.15
N THR B 211 14.32 -14.30 -11.62
CA THR B 211 15.54 -14.78 -10.97
C THR B 211 15.91 -13.82 -9.81
N PRO B 212 16.73 -14.28 -8.82
CA PRO B 212 17.10 -13.38 -7.71
C PRO B 212 17.96 -12.19 -8.15
N PRO B 213 17.65 -10.96 -7.66
CA PRO B 213 18.53 -9.81 -7.95
C PRO B 213 19.99 -10.15 -7.65
N GLY B 214 20.89 -9.73 -8.53
CA GLY B 214 22.31 -10.00 -8.40
C GLY B 214 22.75 -11.34 -8.97
N TYR B 215 21.80 -12.24 -9.29
CA TYR B 215 22.17 -13.54 -9.86
C TYR B 215 22.59 -13.37 -11.33
N PRO B 216 23.83 -13.85 -11.70
CA PRO B 216 24.36 -13.65 -13.07
C PRO B 216 23.43 -14.02 -14.25
N ASN B 217 22.79 -15.23 -14.19
CA ASN B 217 21.89 -15.71 -15.23
C ASN B 217 20.46 -15.12 -15.09
N VAL B 218 19.83 -14.78 -16.24
CA VAL B 218 18.49 -14.20 -16.31
N HIS B 220 18.53 -17.73 -19.15
CA HIS B 220 19.53 -18.80 -19.05
C HIS B 220 19.82 -19.24 -17.57
N PHE B 221 18.82 -19.09 -16.67
CA PHE B 221 18.91 -19.49 -15.26
C PHE B 221 18.80 -21.02 -15.11
N SER B 222 19.52 -21.59 -14.13
CA SER B 222 19.44 -23.02 -13.84
C SER B 222 19.04 -23.23 -12.38
N TRP B 223 17.95 -23.99 -12.17
CA TRP B 223 17.47 -24.29 -10.82
C TRP B 223 18.45 -25.24 -10.16
N ASP B 224 19.07 -26.16 -10.94
CA ASP B 224 20.05 -27.15 -10.46
C ASP B 224 21.36 -26.54 -9.97
N LYS B 225 21.88 -25.52 -10.68
CA LYS B 225 23.14 -24.87 -10.30
C LYS B 225 22.92 -24.14 -8.98
N TYR B 226 21.78 -23.38 -8.92
CA TYR B 226 21.31 -22.57 -7.80
C TYR B 226 21.02 -23.41 -6.57
N LEU B 227 20.36 -24.58 -6.74
CA LEU B 227 20.06 -25.50 -5.63
C LEU B 227 21.35 -26.06 -5.00
N GLU B 228 22.40 -26.28 -5.81
CA GLU B 228 23.72 -26.76 -5.34
C GLU B 228 24.54 -25.62 -4.74
N GLU B 229 24.49 -24.42 -5.35
CA GLU B 229 25.17 -23.20 -4.88
C GLU B 229 24.70 -22.86 -3.48
N THR B 230 23.37 -22.76 -3.31
CA THR B 230 22.69 -22.44 -2.05
C THR B 230 22.67 -23.63 -1.11
N ASN B 231 22.96 -24.84 -1.62
CA ASN B 231 22.95 -26.13 -0.91
C ASN B 231 21.56 -26.41 -0.30
N SER B 232 20.52 -26.21 -1.15
CA SER B 232 19.12 -26.37 -0.79
C SER B 232 18.42 -27.46 -1.59
N LEU B 233 17.22 -27.86 -1.10
CA LEU B 233 16.38 -28.85 -1.75
C LEU B 233 15.12 -28.19 -2.31
N PRO B 234 14.65 -28.59 -3.50
CA PRO B 234 13.39 -27.99 -4.00
C PRO B 234 12.18 -28.67 -3.35
N ALA B 235 11.14 -27.90 -3.02
CA ALA B 235 9.93 -28.48 -2.42
C ALA B 235 9.38 -29.58 -3.34
N PRO B 236 9.03 -30.77 -2.83
CA PRO B 236 8.56 -31.83 -3.74
C PRO B 236 7.20 -31.48 -4.35
N ALA B 237 7.06 -31.66 -5.67
CA ALA B 237 5.85 -31.38 -6.45
C ALA B 237 4.56 -31.97 -5.83
N ARG B 238 4.70 -33.03 -5.00
CA ARG B 238 3.64 -33.74 -4.29
C ARG B 238 3.11 -32.96 -3.06
N ALA B 239 3.95 -32.09 -2.48
CA ALA B 239 3.61 -31.29 -1.30
C ALA B 239 2.58 -30.22 -1.64
N PHE B 240 2.55 -29.80 -2.91
CA PHE B 240 1.66 -28.78 -3.46
C PHE B 240 0.31 -29.44 -3.67
N LYS B 241 -0.67 -29.10 -2.81
CA LYS B 241 -1.99 -29.71 -2.83
C LYS B 241 -3.07 -28.88 -3.54
N VAL B 242 -4.02 -29.58 -4.17
CA VAL B 242 -5.11 -29.01 -4.95
C VAL B 242 -6.16 -28.34 -4.05
N LYS B 243 -6.55 -27.10 -4.40
CA LYS B 243 -7.57 -26.33 -3.68
C LYS B 243 -8.92 -26.41 -4.43
N PRO B 244 -9.97 -27.09 -3.88
CA PRO B 244 -11.26 -27.12 -4.58
C PRO B 244 -11.89 -25.72 -4.66
N PRO B 245 -12.66 -25.40 -5.72
CA PRO B 245 -13.24 -24.05 -5.81
C PRO B 245 -14.27 -23.78 -4.71
N HIS B 246 -14.36 -22.51 -4.31
CA HIS B 246 -15.22 -22.01 -3.24
C HIS B 246 -16.73 -22.32 -3.36
N GLY B 247 -17.28 -22.31 -4.58
CA GLY B 247 -18.70 -22.57 -4.79
C GLY B 247 -19.61 -21.40 -4.48
N PHE B 248 -19.06 -20.18 -4.49
CA PHE B 248 -19.76 -18.92 -4.24
C PHE B 248 -20.31 -18.37 -5.57
N GLN B 249 -21.64 -18.41 -5.72
CA GLN B 249 -22.31 -17.94 -6.94
C GLN B 249 -22.60 -16.44 -6.82
N LYS B 250 -22.52 -15.70 -7.95
CA LYS B 250 -22.79 -14.25 -7.97
C LYS B 250 -24.21 -13.96 -7.49
N LYS B 251 -24.38 -12.84 -6.74
CA LYS B 251 -25.62 -12.33 -6.12
C LYS B 251 -25.80 -12.82 -4.68
N MET B 252 -24.96 -13.80 -4.25
CA MET B 252 -25.00 -14.34 -2.89
C MET B 252 -24.53 -13.29 -1.87
N LYS B 253 -25.16 -13.29 -0.68
CA LYS B 253 -24.90 -12.34 0.40
C LYS B 253 -24.05 -12.94 1.55
N LEU B 254 -23.28 -12.06 2.24
CA LEU B 254 -22.36 -12.38 3.33
C LEU B 254 -21.93 -11.11 4.10
N GLU B 255 -21.02 -11.26 5.06
CA GLU B 255 -20.47 -10.18 5.89
C GLU B 255 -18.97 -10.05 5.60
N VAL B 256 -18.52 -8.84 5.24
CA VAL B 256 -17.11 -8.63 4.86
C VAL B 256 -16.51 -7.47 5.66
N VAL B 257 -15.33 -7.69 6.25
CA VAL B 257 -14.52 -6.68 6.96
C VAL B 257 -14.05 -5.68 5.86
N ASP B 258 -14.37 -4.38 6.02
CA ASP B 258 -13.95 -3.31 5.11
C ASP B 258 -12.41 -3.14 5.21
N LYS B 259 -11.68 -3.37 4.11
CA LYS B 259 -10.21 -3.26 4.05
C LYS B 259 -9.70 -1.85 4.41
N ARG B 260 -10.43 -0.80 3.96
CA ARG B 260 -10.12 0.61 4.17
C ARG B 260 -10.25 1.05 5.64
N ASN B 261 -11.25 0.53 6.37
CA ASN B 261 -11.50 0.81 7.78
C ASN B 261 -11.94 -0.50 8.47
N PRO B 262 -10.96 -1.41 8.80
CA PRO B 262 -11.33 -2.74 9.32
C PRO B 262 -11.95 -2.82 10.72
N MET B 263 -12.32 -1.68 11.34
CA MET B 263 -13.03 -1.72 12.62
C MET B 263 -14.51 -2.08 12.34
N PHE B 264 -14.89 -1.97 11.04
CA PHE B 264 -16.22 -2.21 10.48
C PHE B 264 -16.32 -3.46 9.63
N ILE B 265 -17.45 -4.17 9.79
CA ILE B 265 -17.86 -5.33 9.01
C ILE B 265 -19.17 -4.85 8.37
N ARG B 266 -19.34 -5.05 7.05
CA ARG B 266 -20.52 -4.55 6.34
C ARG B 266 -21.32 -5.60 5.57
N VAL B 267 -22.57 -5.24 5.18
CA VAL B 267 -23.47 -6.06 4.36
C VAL B 267 -22.87 -6.06 2.94
N ALA B 268 -22.39 -7.24 2.49
CA ALA B 268 -21.70 -7.36 1.20
C ALA B 268 -22.24 -8.47 0.31
N THR B 269 -22.28 -8.20 -1.02
CA THR B 269 -22.76 -9.10 -2.07
C THR B 269 -21.58 -9.67 -2.86
N VAL B 270 -21.69 -10.94 -3.36
CA VAL B 270 -20.67 -11.55 -4.21
C VAL B 270 -20.96 -11.00 -5.62
N ALA B 271 -20.34 -9.83 -5.97
CA ALA B 271 -20.52 -9.13 -7.24
C ALA B 271 -20.01 -9.94 -8.44
N ASP B 272 -18.76 -10.43 -8.36
CA ASP B 272 -18.10 -11.26 -9.38
C ASP B 272 -17.37 -12.40 -8.67
N THR B 273 -17.03 -13.47 -9.41
CA THR B 273 -16.37 -14.64 -8.85
C THR B 273 -15.19 -15.09 -9.72
N ASP B 274 -14.14 -15.63 -9.07
CA ASP B 274 -12.92 -16.18 -9.66
C ASP B 274 -12.84 -17.69 -9.33
N ASP B 275 -11.66 -18.31 -9.53
CA ASP B 275 -11.44 -19.72 -9.21
C ASP B 275 -11.22 -19.90 -7.70
N HIS B 276 -10.54 -18.92 -7.06
CA HIS B 276 -10.20 -18.90 -5.64
C HIS B 276 -10.54 -17.56 -4.95
N ARG B 277 -11.04 -16.56 -5.72
CA ARG B 277 -11.40 -15.22 -5.24
C ARG B 277 -12.87 -14.88 -5.49
N VAL B 278 -13.37 -13.83 -4.80
CA VAL B 278 -14.73 -13.28 -4.93
C VAL B 278 -14.64 -11.75 -4.90
N LYS B 279 -15.45 -11.06 -5.75
CA LYS B 279 -15.46 -9.60 -5.74
C LYS B 279 -16.56 -9.09 -4.80
N VAL B 280 -16.15 -8.60 -3.64
CA VAL B 280 -17.12 -8.10 -2.67
C VAL B 280 -17.65 -6.72 -3.09
N HIS B 281 -18.95 -6.52 -2.90
CA HIS B 281 -19.62 -5.25 -3.17
C HIS B 281 -20.33 -4.85 -1.91
N PHE B 282 -19.97 -3.69 -1.37
CA PHE B 282 -20.62 -3.14 -0.20
C PHE B 282 -21.90 -2.49 -0.69
N ASP B 283 -23.05 -3.04 -0.25
CA ASP B 283 -24.37 -2.56 -0.63
C ASP B 283 -24.60 -1.14 -0.14
N GLY B 284 -25.20 -0.31 -1.00
CA GLY B 284 -25.46 1.10 -0.73
C GLY B 284 -24.28 2.01 -0.99
N TRP B 285 -23.15 1.43 -1.44
CA TRP B 285 -21.91 2.12 -1.77
C TRP B 285 -21.63 1.96 -3.27
N ASN B 286 -20.80 2.87 -3.84
CA ASN B 286 -20.41 2.87 -5.25
C ASN B 286 -19.49 1.68 -5.55
N ASN B 287 -19.56 1.16 -6.79
CA ASN B 287 -18.79 0.02 -7.30
C ASN B 287 -17.28 0.28 -7.31
N CYS B 288 -16.86 1.53 -6.99
CA CYS B 288 -15.44 1.94 -6.90
C CYS B 288 -14.81 1.58 -5.51
N TYR B 289 -15.65 1.08 -4.58
CA TYR B 289 -15.26 0.60 -3.26
C TYR B 289 -15.00 -0.90 -3.36
N ASP B 290 -15.64 -1.58 -4.36
CA ASP B 290 -15.54 -3.02 -4.62
C ASP B 290 -14.10 -3.47 -4.80
N TYR B 291 -13.75 -4.63 -4.21
CA TYR B 291 -12.40 -5.19 -4.30
C TYR B 291 -12.41 -6.74 -4.33
N TRP B 292 -11.37 -7.32 -4.92
CA TRP B 292 -11.18 -8.78 -4.95
C TRP B 292 -10.61 -9.24 -3.61
N ILE B 293 -10.88 -10.51 -3.23
CA ILE B 293 -10.45 -11.10 -1.95
C ILE B 293 -10.43 -12.64 -2.06
N ASP B 294 -9.47 -13.32 -1.40
CA ASP B 294 -9.42 -14.79 -1.41
C ASP B 294 -10.68 -15.31 -0.76
N ALA B 295 -11.26 -16.38 -1.32
CA ALA B 295 -12.52 -16.90 -0.79
C ALA B 295 -12.37 -17.60 0.58
N ASP B 296 -11.13 -17.97 1.00
CA ASP B 296 -10.88 -18.60 2.31
C ASP B 296 -10.36 -17.57 3.35
N SER B 297 -10.51 -16.25 3.05
CA SER B 297 -10.13 -15.13 3.91
C SER B 297 -10.93 -15.15 5.23
N PRO B 298 -10.29 -14.85 6.39
CA PRO B 298 -11.05 -14.85 7.66
C PRO B 298 -11.75 -13.49 7.91
N ASP B 299 -11.79 -12.65 6.88
CA ASP B 299 -12.39 -11.32 6.91
C ASP B 299 -13.76 -11.36 6.22
N ILE B 300 -14.10 -12.50 5.60
CA ILE B 300 -15.39 -12.75 4.94
C ILE B 300 -16.11 -13.82 5.78
N HIS B 301 -17.36 -13.57 6.16
CA HIS B 301 -18.10 -14.44 7.08
C HIS B 301 -19.55 -14.77 6.66
N PRO B 302 -20.20 -15.84 7.18
CA PRO B 302 -21.60 -16.09 6.80
C PRO B 302 -22.58 -15.13 7.46
N VAL B 303 -23.73 -14.89 6.81
CA VAL B 303 -24.83 -14.05 7.29
C VAL B 303 -25.27 -14.45 8.73
N GLY B 304 -25.16 -13.50 9.66
CA GLY B 304 -25.49 -13.67 11.08
C GLY B 304 -24.29 -13.73 12.03
N TRP B 305 -23.06 -13.82 11.46
CA TRP B 305 -21.79 -13.93 12.19
C TRP B 305 -21.54 -12.76 13.15
N CYS B 306 -21.95 -11.55 12.79
CA CYS B 306 -21.77 -10.39 13.66
C CYS B 306 -22.70 -10.45 14.88
N SER B 307 -23.99 -10.72 14.64
CA SER B 307 -25.01 -10.84 15.67
C SER B 307 -24.72 -11.99 16.63
N LYS B 308 -24.14 -13.10 16.11
CA LYS B 308 -23.83 -14.29 16.89
C LYS B 308 -22.60 -14.11 17.78
N THR B 309 -21.63 -13.25 17.35
CA THR B 309 -20.37 -13.01 18.07
C THR B 309 -20.37 -11.72 18.90
N GLY B 310 -21.38 -10.86 18.71
CA GLY B 310 -21.50 -9.59 19.43
C GLY B 310 -20.79 -8.42 18.79
N HIS B 311 -20.35 -8.56 17.52
CA HIS B 311 -19.69 -7.51 16.73
C HIS B 311 -20.77 -6.67 16.03
N PRO B 312 -20.66 -5.32 15.99
CA PRO B 312 -21.66 -4.53 15.26
C PRO B 312 -21.49 -4.67 13.74
N LEU B 313 -22.62 -4.81 13.03
CA LEU B 313 -22.64 -4.93 11.58
C LEU B 313 -23.01 -3.56 10.97
N GLN B 314 -22.45 -3.26 9.77
CA GLN B 314 -22.73 -1.99 9.10
C GLN B 314 -23.79 -2.19 8.02
N PRO B 315 -24.96 -1.52 8.16
CA PRO B 315 -26.03 -1.68 7.16
C PRO B 315 -25.73 -0.98 5.82
N PRO B 316 -26.43 -1.31 4.70
CA PRO B 316 -26.14 -0.63 3.41
C PRO B 316 -26.35 0.88 3.42
N LEU B 317 -25.38 1.65 2.87
CA LEU B 317 -25.44 3.12 2.83
C LEU B 317 -26.27 3.61 1.65
#